data_8DGV
#
_entry.id   8DGV
#
_cell.length_a   127.208
_cell.length_b   68.134
_cell.length_c   62.952
_cell.angle_alpha   90.000
_cell.angle_beta   117.190
_cell.angle_gamma   90.000
#
_symmetry.space_group_name_H-M   'C 1 2 1'
#
loop_
_entity.id
_entity.type
_entity.pdbx_description
1 polymer "Spike protein S2'"
2 polymer 'Antibody CC99.103 Fab heavy chain'
3 polymer 'Antibody CC99.103 Fab light chain'
4 water water
#
loop_
_entity_poly.entity_id
_entity_poly.type
_entity_poly.pdbx_seq_one_letter_code
_entity_poly.pdbx_strand_id
1 'polypeptide(L)' PLLGNSTGIDFQDELDEFFKNVSTSIP A
2 'polypeptide(L)'
;QVQLVQSGAEMKKPGASVKISCKASGYTFTSDYMHWVRQAPGQGLEWMGIVNPSGSGTRYAQKFQGRVTMTRDTPTKTFY
IELTRLKSDDTAVYYCASGILTGLFDYWGQGTLVTVSSASTKGPSVFPLAPSSKSTSGGTAALGCLVKDYFPEPVTVSWN
SGALTSGVHTFPAVLQSSGLYSLSSVVTVPSSSLGTQTYICNVNHKPSNTKVDKRVEPKSC
;
H
3 'polypeptide(L)'
;DVVMTQSPGTLSLSAGERATLSCRASQTMTKNYVAWYQQKPGQAPRLLIYGASTRATGIPDRFSGSGSGTDFTLTISRLA
PEDFAVYYCLQYGSSPPIFTFGPGTKVEIKRTVAAPSVFIFPPSDEQLKSGTASVVCLLNNFYPREAKVQWKVDNALQSG
NSQESVTEQDSKDSTYSLSSTLTLSKADYEKHKVYACEVTHQGLSSPVTKSFNRGECS
;
L
#
# COMPACT_ATOMS: atom_id res chain seq x y z
N ASN A 5 11.02 27.49 -25.05
CA ASN A 5 11.14 26.05 -25.17
C ASN A 5 10.36 25.33 -24.06
N SER A 6 9.93 24.10 -24.35
CA SER A 6 9.08 23.37 -23.42
C SER A 6 9.85 22.92 -22.18
N THR A 7 9.12 22.78 -21.07
CA THR A 7 9.74 22.53 -19.78
C THR A 7 10.47 21.19 -19.73
N GLY A 8 10.00 20.20 -20.49
CA GLY A 8 10.60 18.89 -20.40
C GLY A 8 12.02 18.84 -20.96
N ILE A 9 12.21 19.40 -22.16
CA ILE A 9 13.53 19.44 -22.76
C ILE A 9 14.47 20.35 -21.96
N ASP A 10 13.92 21.40 -21.34
CA ASP A 10 14.79 22.36 -20.65
C ASP A 10 15.40 21.75 -19.40
N PHE A 11 14.61 21.03 -18.60
CA PHE A 11 15.17 20.41 -17.40
C PHE A 11 16.18 19.33 -17.73
N GLN A 12 15.95 18.59 -18.82
CA GLN A 12 16.93 17.60 -19.25
C GLN A 12 18.21 18.28 -19.74
N ASP A 13 18.10 19.49 -20.29
CA ASP A 13 19.29 20.23 -20.67
C ASP A 13 20.11 20.65 -19.45
N GLU A 14 19.43 21.09 -18.39
CA GLU A 14 20.15 21.44 -17.16
C GLU A 14 20.78 20.21 -16.53
N LEU A 15 20.10 19.06 -16.60
CA LEU A 15 20.71 17.82 -16.10
C LEU A 15 21.92 17.45 -16.92
N ASP A 16 21.89 17.72 -18.23
CA ASP A 16 23.03 17.44 -19.08
C ASP A 16 24.21 18.32 -18.73
N GLU A 17 23.94 19.57 -18.30
CA GLU A 17 25.02 20.48 -17.95
C GLU A 17 25.71 20.07 -16.65
N PHE A 18 24.94 19.54 -15.69
CA PHE A 18 25.54 19.14 -14.43
C PHE A 18 26.47 17.94 -14.61
N PHE A 19 26.04 16.94 -15.37
CA PHE A 19 26.83 15.73 -15.51
C PHE A 19 28.01 15.90 -16.45
N LYS A 20 27.90 16.82 -17.42
CA LYS A 20 29.02 17.09 -18.32
C LYS A 20 30.18 17.76 -17.59
N ASN A 21 29.91 18.48 -16.50
CA ASN A 21 30.90 19.28 -15.81
C ASN A 21 31.38 18.66 -14.49
N VAL A 22 30.92 17.45 -14.16
CA VAL A 22 31.40 16.78 -12.95
C VAL A 22 32.16 15.51 -13.31
N GLN B 1 6.30 1.34 -28.11
CA GLN B 1 5.92 1.86 -26.79
C GLN B 1 6.98 1.55 -25.75
N VAL B 2 7.29 2.54 -24.90
CA VAL B 2 8.24 2.32 -23.81
C VAL B 2 7.69 1.28 -22.85
N GLN B 3 8.53 0.32 -22.48
CA GLN B 3 8.15 -0.73 -21.54
C GLN B 3 9.35 -1.08 -20.68
N LEU B 4 9.16 -1.06 -19.35
CA LEU B 4 10.21 -1.39 -18.40
C LEU B 4 9.77 -2.62 -17.62
N VAL B 5 10.58 -3.68 -17.67
CA VAL B 5 10.26 -4.95 -17.05
C VAL B 5 11.34 -5.25 -16.01
N GLN B 6 10.97 -5.27 -14.74
CA GLN B 6 11.88 -5.55 -13.65
C GLN B 6 11.92 -7.04 -13.31
N SER B 7 12.98 -7.44 -12.63
CA SER B 7 13.12 -8.81 -12.14
C SER B 7 12.16 -9.06 -10.99
N GLY B 8 12.05 -10.32 -10.59
CA GLY B 8 11.04 -10.76 -9.66
C GLY B 8 11.37 -10.44 -8.22
N ALA B 9 10.42 -10.80 -7.34
CA ALA B 9 10.53 -10.47 -5.93
C ALA B 9 11.69 -11.22 -5.29
N GLU B 10 12.28 -10.60 -4.26
CA GLU B 10 13.45 -11.13 -3.59
C GLU B 10 13.22 -11.19 -2.08
N MET B 11 13.86 -12.18 -1.46
CA MET B 11 13.89 -12.35 0.00
C MET B 11 15.33 -12.30 0.47
N LYS B 12 15.61 -11.45 1.45
CA LYS B 12 16.97 -11.25 1.92
C LYS B 12 17.00 -11.19 3.44
N LYS B 13 18.02 -11.81 4.02
CA LYS B 13 18.34 -11.67 5.43
C LYS B 13 18.98 -10.31 5.70
N PRO B 14 18.87 -9.79 6.92
CA PRO B 14 19.51 -8.50 7.22
C PRO B 14 21.02 -8.59 7.03
N GLY B 15 21.60 -7.51 6.53
CA GLY B 15 23.01 -7.43 6.26
C GLY B 15 23.43 -7.89 4.88
N ALA B 16 22.53 -8.52 4.12
CA ALA B 16 22.81 -9.00 2.79
C ALA B 16 22.64 -7.87 1.76
N SER B 17 22.98 -8.16 0.52
CA SER B 17 22.83 -7.21 -0.58
C SER B 17 21.88 -7.79 -1.63
N VAL B 18 21.30 -6.88 -2.42
CA VAL B 18 20.30 -7.22 -3.43
C VAL B 18 20.59 -6.43 -4.71
N LYS B 19 20.26 -7.02 -5.85
CA LYS B 19 20.50 -6.41 -7.16
C LYS B 19 19.27 -6.65 -8.04
N ILE B 20 18.51 -5.59 -8.30
CA ILE B 20 17.32 -5.67 -9.15
C ILE B 20 17.69 -5.18 -10.55
N SER B 21 17.15 -5.84 -11.56
CA SER B 21 17.32 -5.46 -12.95
C SER B 21 16.06 -4.77 -13.48
N CYS B 22 16.25 -3.99 -14.53
CA CYS B 22 15.13 -3.32 -15.22
C CYS B 22 15.45 -3.31 -16.71
N LYS B 23 14.76 -4.16 -17.47
CA LYS B 23 14.99 -4.29 -18.91
C LYS B 23 14.03 -3.38 -19.67
N ALA B 24 14.59 -2.51 -20.51
CA ALA B 24 13.81 -1.58 -21.33
C ALA B 24 13.57 -2.15 -22.71
N SER B 25 12.47 -1.70 -23.33
CA SER B 25 12.13 -2.09 -24.69
C SER B 25 11.30 -1.00 -25.34
N GLY B 26 11.27 -1.02 -26.67
CA GLY B 26 10.49 -0.07 -27.44
C GLY B 26 11.15 1.26 -27.71
N TYR B 27 12.38 1.48 -27.24
CA TYR B 27 13.07 2.73 -27.49
C TYR B 27 14.57 2.51 -27.35
N THR B 28 15.32 3.54 -27.76
CA THR B 28 16.77 3.41 -27.93
C THR B 28 17.53 3.21 -26.63
N PHE B 29 16.96 3.62 -25.49
CA PHE B 29 17.59 3.56 -24.17
C PHE B 29 18.83 4.46 -24.07
N THR B 30 19.09 5.27 -25.09
CA THR B 30 20.26 6.14 -25.10
C THR B 30 19.93 7.60 -24.83
N SER B 31 18.65 7.94 -24.66
CA SER B 31 18.25 9.34 -24.49
C SER B 31 17.92 9.70 -23.05
N ASP B 32 17.44 8.74 -22.27
CA ASP B 32 16.68 9.03 -21.07
C ASP B 32 17.50 8.89 -19.80
N TYR B 33 17.29 9.83 -18.88
CA TYR B 33 17.69 9.62 -17.50
C TYR B 33 16.78 8.58 -16.87
N MET B 34 17.36 7.72 -16.03
CA MET B 34 16.61 6.69 -15.33
C MET B 34 16.68 6.94 -13.83
N HIS B 35 15.64 6.49 -13.12
CA HIS B 35 15.52 6.67 -11.69
C HIS B 35 15.18 5.34 -11.04
N TRP B 36 15.46 5.25 -9.74
CA TRP B 36 14.96 4.17 -8.90
C TRP B 36 14.14 4.79 -7.77
N VAL B 37 12.91 4.33 -7.61
CA VAL B 37 12.02 4.82 -6.56
C VAL B 37 11.48 3.63 -5.79
N ARG B 38 11.42 3.77 -4.46
CA ARG B 38 10.95 2.69 -3.60
C ARG B 38 9.78 3.17 -2.75
N GLN B 39 8.99 2.21 -2.28
CA GLN B 39 7.81 2.51 -1.49
C GLN B 39 7.58 1.36 -0.51
N ALA B 40 7.74 1.64 0.78
CA ALA B 40 7.43 0.65 1.80
C ALA B 40 5.92 0.44 1.86
N PRO B 41 5.46 -0.76 2.26
CA PRO B 41 4.02 -1.02 2.24
C PRO B 41 3.26 -0.03 3.11
N GLY B 42 2.24 0.57 2.53
CA GLY B 42 1.43 1.55 3.24
C GLY B 42 2.08 2.91 3.41
N GLN B 43 3.24 3.15 2.80
CA GLN B 43 4.01 4.37 3.00
C GLN B 43 4.09 5.16 1.69
N GLY B 44 4.76 6.32 1.77
CA GLY B 44 4.92 7.18 0.61
C GLY B 44 6.08 6.76 -0.28
N LEU B 45 6.20 7.46 -1.40
CA LEU B 45 7.29 7.23 -2.33
C LEU B 45 8.59 7.85 -1.83
N GLU B 46 9.71 7.27 -2.26
CA GLU B 46 11.03 7.73 -1.85
C GLU B 46 12.01 7.57 -3.01
N TRP B 47 12.54 8.68 -3.50
CA TRP B 47 13.53 8.65 -4.57
C TRP B 47 14.86 8.15 -4.04
N MET B 48 15.60 7.44 -4.89
CA MET B 48 16.87 6.85 -4.48
C MET B 48 18.06 7.37 -5.27
N GLY B 49 17.92 7.55 -6.58
CA GLY B 49 19.05 7.99 -7.39
C GLY B 49 18.62 8.17 -8.83
N ILE B 50 19.57 8.68 -9.62
CA ILE B 50 19.37 8.96 -11.03
C ILE B 50 20.64 8.57 -11.79
N VAL B 51 20.45 8.13 -13.04
CA VAL B 51 21.55 7.78 -13.92
C VAL B 51 21.35 8.47 -15.26
N ASN B 52 22.41 9.11 -15.76
CA ASN B 52 22.39 9.78 -17.06
C ASN B 52 22.43 8.75 -18.19
N PRO B 53 22.00 9.16 -19.41
CA PRO B 53 21.84 8.16 -20.47
C PRO B 53 23.10 7.37 -20.80
N SER B 54 24.29 7.98 -20.70
CA SER B 54 25.50 7.22 -20.96
C SER B 54 25.82 6.24 -19.83
N GLY B 55 25.29 6.47 -18.63
CA GLY B 55 25.61 5.63 -17.50
C GLY B 55 26.88 6.01 -16.77
N SER B 56 27.61 7.01 -17.24
CA SER B 56 28.83 7.47 -16.60
C SER B 56 28.58 8.52 -15.53
N GLY B 57 27.34 8.96 -15.36
CA GLY B 57 27.02 9.95 -14.34
C GLY B 57 25.83 9.57 -13.50
N THR B 58 25.99 9.59 -12.17
CA THR B 58 24.93 9.20 -11.25
C THR B 58 24.87 10.19 -10.10
N ARG B 59 23.71 10.21 -9.44
CA ARG B 59 23.52 11.04 -8.25
C ARG B 59 22.48 10.37 -7.36
N TYR B 60 22.94 9.76 -6.26
CA TYR B 60 22.05 9.09 -5.33
C TYR B 60 21.54 10.06 -4.26
N ALA B 61 20.39 9.72 -3.69
CA ALA B 61 19.90 10.45 -2.53
C ALA B 61 20.85 10.23 -1.36
N GLN B 62 20.99 11.26 -0.52
CA GLN B 62 22.02 11.23 0.52
C GLN B 62 21.81 10.09 1.51
N LYS B 63 20.55 9.68 1.74
CA LYS B 63 20.30 8.60 2.68
C LYS B 63 20.97 7.30 2.24
N PHE B 64 21.08 7.06 0.93
CA PHE B 64 21.64 5.82 0.41
C PHE B 64 23.06 5.98 -0.11
N GLN B 65 23.68 7.14 0.09
CA GLN B 65 25.06 7.33 -0.35
C GLN B 65 25.97 6.37 0.42
N GLY B 66 26.85 5.70 -0.32
CA GLY B 66 27.78 4.74 0.26
C GLY B 66 27.27 3.33 0.39
N ARG B 67 25.98 3.09 0.15
CA ARG B 67 25.42 1.75 0.23
C ARG B 67 24.65 1.31 -1.01
N VAL B 68 24.30 2.23 -1.90
CA VAL B 68 23.59 1.90 -3.13
C VAL B 68 24.54 2.12 -4.31
N THR B 69 24.29 1.39 -5.39
CA THR B 69 25.05 1.56 -6.63
C THR B 69 24.12 1.29 -7.80
N MET B 70 24.07 2.24 -8.73
CA MET B 70 23.24 2.13 -9.92
C MET B 70 24.14 2.08 -11.14
N THR B 71 23.78 1.23 -12.10
CA THR B 71 24.56 1.04 -13.31
C THR B 71 23.61 0.82 -14.49
N ARG B 72 24.17 0.91 -15.69
CA ARG B 72 23.39 0.81 -16.91
C ARG B 72 24.24 0.13 -17.97
N ASP B 73 23.60 -0.71 -18.79
CA ASP B 73 24.27 -1.38 -19.90
C ASP B 73 23.39 -1.22 -21.14
N THR B 74 23.75 -0.26 -21.98
CA THR B 74 22.99 -0.02 -23.20
C THR B 74 22.88 -1.25 -24.11
N PRO B 75 23.95 -2.02 -24.37
CA PRO B 75 23.80 -3.15 -25.30
C PRO B 75 22.75 -4.18 -24.87
N THR B 76 22.60 -4.42 -23.57
CA THR B 76 21.51 -5.24 -23.06
C THR B 76 20.28 -4.44 -22.70
N LYS B 77 20.34 -3.11 -22.78
CA LYS B 77 19.22 -2.23 -22.45
C LYS B 77 18.69 -2.50 -21.03
N THR B 78 19.62 -2.77 -20.11
CA THR B 78 19.27 -3.15 -18.74
C THR B 78 19.73 -2.09 -17.74
N PHE B 79 18.87 -1.81 -16.77
CA PHE B 79 19.14 -0.86 -15.70
C PHE B 79 19.23 -1.63 -14.39
N TYR B 80 20.22 -1.29 -13.55
CA TYR B 80 20.49 -2.05 -12.35
C TYR B 80 20.58 -1.15 -11.12
N ILE B 81 20.09 -1.66 -10.00
CA ILE B 81 20.32 -1.07 -8.68
C ILE B 81 20.93 -2.14 -7.80
N GLU B 82 21.89 -1.75 -6.96
CA GLU B 82 22.51 -2.66 -6.01
C GLU B 82 22.50 -2.02 -4.63
N LEU B 83 21.63 -2.52 -3.75
CA LEU B 83 21.56 -2.05 -2.37
C LEU B 83 22.24 -3.06 -1.46
N THR B 84 23.03 -2.56 -0.51
CA THR B 84 23.84 -3.39 0.37
C THR B 84 23.51 -3.06 1.84
N ARG B 85 24.05 -3.88 2.74
CA ARG B 85 23.86 -3.73 4.18
C ARG B 85 22.38 -3.61 4.52
N LEU B 86 21.58 -4.52 3.95
CA LEU B 86 20.13 -4.41 4.06
C LEU B 86 19.67 -4.53 5.51
N LYS B 87 18.70 -3.69 5.85
CA LYS B 87 18.01 -3.72 7.13
C LYS B 87 16.54 -3.96 6.88
N SER B 88 15.78 -4.17 7.96
CA SER B 88 14.34 -4.36 7.83
C SER B 88 13.66 -3.12 7.28
N ASP B 89 14.27 -1.94 7.47
CA ASP B 89 13.74 -0.70 6.94
C ASP B 89 13.72 -0.71 5.40
N ASP B 90 14.59 -1.51 4.78
CA ASP B 90 14.68 -1.52 3.33
C ASP B 90 13.62 -2.37 2.66
N THR B 91 12.75 -3.03 3.42
CA THR B 91 11.62 -3.75 2.83
C THR B 91 10.70 -2.77 2.10
N ALA B 92 10.57 -2.94 0.79
CA ALA B 92 9.81 -2.01 -0.03
C ALA B 92 9.61 -2.60 -1.42
N VAL B 93 8.68 -2.00 -2.15
CA VAL B 93 8.54 -2.22 -3.58
C VAL B 93 9.43 -1.21 -4.30
N TYR B 94 10.34 -1.70 -5.13
CA TYR B 94 11.30 -0.85 -5.83
C TYR B 94 10.88 -0.70 -7.29
N TYR B 95 10.83 0.54 -7.77
CA TYR B 95 10.43 0.87 -9.13
C TYR B 95 11.60 1.46 -9.89
N CYS B 96 11.84 0.96 -11.10
CA CYS B 96 12.63 1.72 -12.06
C CYS B 96 11.71 2.67 -12.84
N ALA B 97 12.28 3.79 -13.28
CA ALA B 97 11.46 4.78 -13.98
C ALA B 97 12.31 5.53 -14.98
N SER B 98 11.73 5.78 -16.16
CA SER B 98 12.40 6.50 -17.23
C SER B 98 11.97 7.96 -17.25
N GLY B 99 12.92 8.85 -17.53
CA GLY B 99 12.67 10.27 -17.62
C GLY B 99 12.74 10.80 -19.03
N ILE B 100 12.37 9.98 -20.00
CA ILE B 100 12.62 10.30 -21.41
C ILE B 100 11.90 11.58 -21.85
N LEU B 101 10.76 11.89 -21.23
CA LEU B 101 9.99 13.06 -21.66
C LEU B 101 10.32 14.31 -20.86
N THR B 102 10.37 14.21 -19.53
CA THR B 102 10.55 15.35 -18.67
C THR B 102 11.84 15.35 -17.88
N GLY B 103 12.56 14.23 -17.83
CA GLY B 103 13.65 14.09 -16.90
C GLY B 103 13.21 13.67 -15.51
N LEU B 104 11.91 13.52 -15.29
CA LEU B 104 11.35 13.04 -14.03
C LEU B 104 11.02 11.57 -14.17
N PHE B 105 9.82 11.18 -13.78
CA PHE B 105 9.37 9.79 -13.87
C PHE B 105 8.18 9.73 -14.82
N ASP B 106 8.46 9.47 -16.09
CA ASP B 106 7.44 9.41 -17.13
C ASP B 106 6.91 8.01 -17.40
N TYR B 107 7.74 6.98 -17.23
CA TYR B 107 7.32 5.61 -17.44
C TYR B 107 7.89 4.75 -16.32
N TRP B 108 7.09 3.81 -15.82
CA TRP B 108 7.43 3.04 -14.65
C TRP B 108 7.50 1.55 -14.98
N GLY B 109 8.37 0.85 -14.27
CA GLY B 109 8.31 -0.59 -14.25
C GLY B 109 7.21 -1.09 -13.35
N GLN B 110 6.93 -2.38 -13.44
CA GLN B 110 5.88 -2.98 -12.61
C GLN B 110 6.24 -2.99 -11.13
N GLY B 111 7.52 -2.89 -10.80
CA GLY B 111 7.96 -2.87 -9.43
C GLY B 111 8.40 -4.24 -8.95
N THR B 112 9.24 -4.24 -7.92
CA THR B 112 9.79 -5.47 -7.35
C THR B 112 9.72 -5.37 -5.83
N LEU B 113 9.05 -6.33 -5.20
CA LEU B 113 9.01 -6.37 -3.75
C LEU B 113 10.29 -7.01 -3.22
N VAL B 114 10.95 -6.32 -2.31
CA VAL B 114 12.13 -6.85 -1.63
C VAL B 114 11.82 -6.91 -0.14
N THR B 115 11.78 -8.11 0.41
CA THR B 115 11.45 -8.33 1.82
C THR B 115 12.73 -8.68 2.56
N VAL B 116 13.19 -7.76 3.40
CA VAL B 116 14.34 -7.99 4.27
C VAL B 116 13.83 -8.42 5.64
N SER B 117 14.14 -9.66 6.01
CA SER B 117 13.77 -10.17 7.32
C SER B 117 14.63 -11.37 7.65
N SER B 118 14.84 -11.59 8.95
CA SER B 118 15.51 -12.80 9.39
C SER B 118 14.63 -14.03 9.21
N ALA B 119 13.33 -13.84 9.03
CA ALA B 119 12.41 -14.95 8.83
C ALA B 119 12.67 -15.64 7.49
N SER B 120 12.42 -16.95 7.48
CA SER B 120 12.51 -17.77 6.29
C SER B 120 11.11 -18.06 5.73
N THR B 121 11.10 -18.57 4.50
CA THR B 121 9.85 -18.81 3.79
C THR B 121 8.98 -19.80 4.57
N LYS B 122 7.68 -19.50 4.65
CA LYS B 122 6.79 -20.28 5.49
C LYS B 122 5.37 -20.16 4.95
N GLY B 123 4.73 -21.31 4.69
CA GLY B 123 3.36 -21.33 4.24
C GLY B 123 2.39 -20.99 5.35
N PRO B 124 1.26 -20.37 4.99
CA PRO B 124 0.29 -19.97 6.00
C PRO B 124 -0.35 -21.13 6.73
N SER B 125 -0.65 -20.90 8.00
CA SER B 125 -1.69 -21.64 8.70
C SER B 125 -3.03 -20.96 8.44
N VAL B 126 -4.10 -21.75 8.42
CA VAL B 126 -5.44 -21.27 8.09
C VAL B 126 -6.42 -21.79 9.14
N PHE B 127 -7.15 -20.88 9.78
CA PHE B 127 -8.13 -21.25 10.78
C PHE B 127 -9.50 -20.67 10.45
N PRO B 128 -10.58 -21.41 10.69
CA PRO B 128 -11.92 -20.87 10.43
C PRO B 128 -12.30 -19.73 11.36
N LEU B 129 -13.16 -18.85 10.84
CA LEU B 129 -13.86 -17.83 11.63
C LEU B 129 -15.36 -18.15 11.52
N ALA B 130 -15.89 -18.89 12.51
CA ALA B 130 -17.21 -19.49 12.43
C ALA B 130 -18.33 -18.46 12.63
N PRO B 131 -19.36 -18.51 11.80
CA PRO B 131 -20.56 -17.69 12.07
C PRO B 131 -21.27 -18.12 13.35
N SER B 132 -21.90 -17.14 14.00
CA SER B 132 -22.70 -17.41 15.18
C SER B 132 -24.00 -18.13 14.82
N GLY B 139 -30.78 -11.80 10.27
CA GLY B 139 -30.61 -11.06 9.03
C GLY B 139 -29.47 -11.59 8.18
N THR B 140 -28.27 -11.03 8.39
CA THR B 140 -27.07 -11.47 7.70
C THR B 140 -26.08 -12.05 8.69
N ALA B 141 -25.28 -12.99 8.22
CA ALA B 141 -24.25 -13.65 9.01
C ALA B 141 -22.87 -13.33 8.45
N ALA B 142 -21.85 -13.52 9.29
CA ALA B 142 -20.47 -13.28 8.89
C ALA B 142 -19.61 -14.51 9.19
N LEU B 143 -18.64 -14.75 8.32
CA LEU B 143 -17.70 -15.85 8.47
C LEU B 143 -16.43 -15.50 7.72
N GLY B 144 -15.36 -16.21 8.04
CA GLY B 144 -14.10 -15.89 7.39
C GLY B 144 -13.03 -16.92 7.67
N CYS B 145 -11.81 -16.59 7.26
CA CYS B 145 -10.65 -17.43 7.46
C CYS B 145 -9.49 -16.57 7.95
N LEU B 146 -8.77 -17.08 8.95
CA LEU B 146 -7.61 -16.40 9.51
C LEU B 146 -6.35 -17.02 8.90
N VAL B 147 -5.68 -16.26 8.04
CA VAL B 147 -4.47 -16.69 7.36
C VAL B 147 -3.31 -16.15 8.17
N LYS B 148 -2.63 -17.03 8.91
CA LYS B 148 -1.72 -16.61 9.97
C LYS B 148 -0.35 -17.27 9.78
N ASP B 149 0.69 -16.54 10.21
CA ASP B 149 2.06 -17.05 10.28
C ASP B 149 2.55 -17.55 8.91
N TYR B 150 2.69 -16.60 7.99
CA TYR B 150 3.22 -16.89 6.67
C TYR B 150 4.28 -15.85 6.31
N PHE B 151 5.19 -16.25 5.43
CA PHE B 151 6.28 -15.40 4.98
C PHE B 151 6.75 -15.89 3.63
N PRO B 152 6.97 -15.00 2.66
CA PRO B 152 6.69 -13.56 2.78
C PRO B 152 5.34 -13.20 2.19
N GLU B 153 5.12 -11.91 1.99
CA GLU B 153 4.01 -11.47 1.15
C GLU B 153 4.32 -11.79 -0.31
N PRO B 154 3.29 -11.98 -1.15
CA PRO B 154 1.86 -11.87 -0.85
C PRO B 154 1.14 -13.19 -0.60
N VAL B 155 -0.17 -13.09 -0.40
CA VAL B 155 -1.07 -14.23 -0.29
C VAL B 155 -2.38 -13.84 -0.95
N THR B 156 -2.97 -14.77 -1.70
CA THR B 156 -4.25 -14.56 -2.34
C THR B 156 -5.29 -15.49 -1.73
N VAL B 157 -6.52 -14.99 -1.63
CA VAL B 157 -7.61 -15.72 -0.98
C VAL B 157 -8.85 -15.61 -1.84
N SER B 158 -9.60 -16.72 -1.93
CA SER B 158 -10.84 -16.77 -2.69
C SER B 158 -11.83 -17.67 -1.96
N TRP B 159 -13.10 -17.54 -2.30
CA TRP B 159 -14.17 -18.25 -1.62
C TRP B 159 -14.93 -19.10 -2.63
N ASN B 160 -15.01 -20.40 -2.35
CA ASN B 160 -15.62 -21.38 -3.26
C ASN B 160 -14.97 -21.34 -4.63
N SER B 161 -13.69 -20.98 -4.67
CA SER B 161 -12.90 -20.90 -5.90
C SER B 161 -13.59 -20.01 -6.94
N GLY B 162 -14.02 -18.84 -6.49
CA GLY B 162 -14.61 -17.81 -7.33
C GLY B 162 -16.12 -17.76 -7.35
N ALA B 163 -16.81 -18.74 -6.76
CA ALA B 163 -18.27 -18.67 -6.74
C ALA B 163 -18.77 -17.51 -5.89
N LEU B 164 -18.02 -17.12 -4.87
CA LEU B 164 -18.41 -16.04 -3.97
C LEU B 164 -17.56 -14.81 -4.24
N THR B 165 -18.22 -13.66 -4.34
CA THR B 165 -17.50 -12.41 -4.52
C THR B 165 -18.19 -11.31 -3.74
N SER B 166 -19.51 -11.21 -3.86
CA SER B 166 -20.24 -10.16 -3.18
C SER B 166 -20.15 -10.36 -1.67
N GLY B 167 -19.88 -9.26 -0.97
CA GLY B 167 -19.72 -9.28 0.47
C GLY B 167 -18.34 -9.71 0.96
N VAL B 168 -17.49 -10.21 0.07
CA VAL B 168 -16.15 -10.62 0.47
C VAL B 168 -15.30 -9.40 0.78
N HIS B 169 -14.46 -9.51 1.82
CA HIS B 169 -13.44 -8.52 2.12
C HIS B 169 -12.19 -9.26 2.54
N THR B 170 -11.07 -8.97 1.86
CA THR B 170 -9.78 -9.56 2.19
C THR B 170 -8.87 -8.44 2.69
N PHE B 171 -8.61 -8.43 3.99
CA PHE B 171 -7.93 -7.31 4.61
C PHE B 171 -6.43 -7.31 4.27
N PRO B 172 -5.79 -6.14 4.32
CA PRO B 172 -4.33 -6.11 4.13
C PRO B 172 -3.62 -6.88 5.24
N ALA B 173 -2.52 -7.52 4.87
CA ALA B 173 -1.71 -8.24 5.83
C ALA B 173 -1.07 -7.29 6.84
N VAL B 174 -0.94 -7.76 8.07
CA VAL B 174 -0.23 -7.04 9.12
C VAL B 174 0.97 -7.88 9.54
N LEU B 175 2.09 -7.21 9.80
CA LEU B 175 3.32 -7.88 10.22
C LEU B 175 3.31 -8.04 11.74
N GLN B 176 3.35 -9.28 12.19
CA GLN B 176 3.37 -9.56 13.62
C GLN B 176 4.77 -9.43 14.19
N SER B 177 4.85 -9.33 15.52
CA SER B 177 6.14 -9.21 16.19
C SER B 177 7.01 -10.44 15.98
N SER B 178 6.41 -11.59 15.66
CA SER B 178 7.20 -12.77 15.33
C SER B 178 7.98 -12.60 14.03
N GLY B 179 7.61 -11.61 13.21
CA GLY B 179 8.18 -11.43 11.89
C GLY B 179 7.41 -12.10 10.78
N LEU B 180 6.39 -12.89 11.10
CA LEU B 180 5.49 -13.45 10.11
C LEU B 180 4.27 -12.57 9.94
N TYR B 181 3.68 -12.62 8.75
CA TYR B 181 2.48 -11.86 8.44
C TYR B 181 1.23 -12.62 8.85
N SER B 182 0.14 -11.88 9.03
CA SER B 182 -1.17 -12.46 9.31
C SER B 182 -2.23 -11.66 8.58
N LEU B 183 -3.32 -12.34 8.23
CA LEU B 183 -4.35 -11.73 7.40
C LEU B 183 -5.67 -12.44 7.67
N SER B 184 -6.77 -11.74 7.45
CA SER B 184 -8.09 -12.31 7.55
C SER B 184 -8.89 -11.96 6.31
N SER B 185 -9.69 -12.91 5.85
CA SER B 185 -10.63 -12.70 4.75
C SER B 185 -12.01 -13.07 5.23
N VAL B 186 -12.99 -12.21 4.98
CA VAL B 186 -14.33 -12.37 5.50
C VAL B 186 -15.34 -12.21 4.37
N VAL B 187 -16.53 -12.78 4.58
CA VAL B 187 -17.62 -12.72 3.61
C VAL B 187 -18.93 -12.63 4.38
N THR B 188 -19.83 -11.78 3.92
CA THR B 188 -21.16 -11.66 4.49
C THR B 188 -22.14 -12.50 3.69
N VAL B 189 -22.98 -13.26 4.39
CA VAL B 189 -23.95 -14.16 3.74
C VAL B 189 -25.27 -14.07 4.47
N PRO B 190 -26.36 -14.37 3.76
CA PRO B 190 -27.65 -14.52 4.46
C PRO B 190 -27.60 -15.65 5.48
N SER B 191 -28.27 -15.44 6.61
CA SER B 191 -28.19 -16.38 7.72
C SER B 191 -28.84 -17.72 7.41
N SER B 192 -29.80 -17.76 6.48
CA SER B 192 -30.52 -19.00 6.20
C SER B 192 -29.63 -20.06 5.56
N SER B 193 -28.59 -19.64 4.83
CA SER B 193 -27.80 -20.54 4.00
C SER B 193 -26.71 -21.29 4.77
N LEU B 194 -26.57 -21.06 6.07
CA LEU B 194 -25.48 -21.66 6.83
C LEU B 194 -25.54 -23.19 6.85
N GLY B 195 -26.74 -23.76 6.71
CA GLY B 195 -26.85 -25.20 6.64
C GLY B 195 -27.01 -25.75 5.23
N THR B 196 -27.21 -24.87 4.25
CA THR B 196 -27.50 -25.30 2.89
C THR B 196 -26.41 -24.97 1.87
N GLN B 197 -25.31 -24.35 2.29
CA GLN B 197 -24.25 -23.96 1.35
C GLN B 197 -22.90 -24.19 2.00
N THR B 198 -21.96 -24.74 1.22
CA THR B 198 -20.62 -25.00 1.69
C THR B 198 -19.74 -23.78 1.45
N TYR B 199 -19.10 -23.29 2.51
CA TYR B 199 -18.26 -22.09 2.44
C TYR B 199 -16.80 -22.53 2.62
N ILE B 200 -16.00 -22.39 1.57
CA ILE B 200 -14.62 -22.86 1.55
C ILE B 200 -13.74 -21.70 1.09
N CYS B 201 -12.81 -21.28 1.95
CA CYS B 201 -11.79 -20.31 1.57
C CYS B 201 -10.62 -21.04 0.92
N ASN B 202 -10.10 -20.46 -0.17
CA ASN B 202 -8.95 -21.00 -0.88
C ASN B 202 -7.84 -19.97 -0.78
N VAL B 203 -6.73 -20.35 -0.13
CA VAL B 203 -5.59 -19.48 0.05
C VAL B 203 -4.40 -20.08 -0.67
N ASN B 204 -3.73 -19.28 -1.50
CA ASN B 204 -2.54 -19.69 -2.24
C ASN B 204 -1.40 -18.77 -1.88
N HIS B 205 -0.33 -19.35 -1.31
CA HIS B 205 0.89 -18.62 -1.01
C HIS B 205 1.90 -18.99 -2.10
N LYS B 206 1.96 -18.17 -3.15
CA LYS B 206 2.86 -18.44 -4.26
C LYS B 206 4.33 -18.56 -3.84
N PRO B 207 4.89 -17.69 -2.99
CA PRO B 207 6.32 -17.84 -2.67
C PRO B 207 6.69 -19.20 -2.09
N SER B 208 5.82 -19.82 -1.31
CA SER B 208 6.07 -21.17 -0.80
C SER B 208 5.39 -22.26 -1.63
N ASN B 209 4.64 -21.88 -2.67
CA ASN B 209 3.87 -22.83 -3.47
C ASN B 209 2.94 -23.65 -2.60
N THR B 210 2.40 -23.03 -1.55
CA THR B 210 1.43 -23.68 -0.69
C THR B 210 0.02 -23.25 -1.09
N LYS B 211 -0.87 -24.22 -1.23
CA LYS B 211 -2.29 -23.96 -1.46
C LYS B 211 -3.09 -24.74 -0.43
N VAL B 212 -3.95 -24.04 0.29
CA VAL B 212 -4.73 -24.65 1.37
C VAL B 212 -6.20 -24.25 1.19
N ASP B 213 -7.09 -25.22 1.39
CA ASP B 213 -8.52 -24.97 1.42
C ASP B 213 -9.04 -25.29 2.82
N LYS B 214 -10.02 -24.52 3.28
CA LYS B 214 -10.56 -24.67 4.63
C LYS B 214 -12.06 -24.41 4.61
N ARG B 215 -12.84 -25.42 4.99
CA ARG B 215 -14.27 -25.24 5.13
C ARG B 215 -14.58 -24.54 6.44
N VAL B 216 -15.71 -23.83 6.48
CA VAL B 216 -16.09 -23.04 7.64
C VAL B 216 -17.50 -23.46 8.03
N GLU B 217 -17.61 -24.45 8.89
CA GLU B 217 -18.87 -24.84 9.51
C GLU B 217 -19.19 -23.93 10.68
N PRO B 218 -20.47 -23.82 11.05
CA PRO B 218 -20.81 -23.16 12.32
C PRO B 218 -20.25 -23.93 13.52
N PRO C 8 -0.80 14.91 7.21
CA PRO C 8 -1.38 14.98 5.87
C PRO C 8 -2.86 14.57 5.85
N GLY C 9 -3.74 15.47 6.28
CA GLY C 9 -5.15 15.14 6.46
C GLY C 9 -5.86 14.67 5.21
N THR C 10 -6.57 13.55 5.32
CA THR C 10 -7.30 13.01 4.18
C THR C 10 -8.47 13.91 3.79
N LEU C 11 -8.68 14.04 2.48
CA LEU C 11 -9.77 14.85 1.93
C LEU C 11 -10.96 13.98 1.54
N SER C 12 -12.14 14.35 2.02
CA SER C 12 -13.39 13.70 1.65
C SER C 12 -14.23 14.70 0.88
N LEU C 13 -14.64 14.33 -0.32
CA LEU C 13 -15.48 15.19 -1.13
C LEU C 13 -16.21 14.36 -2.18
N SER C 14 -17.37 14.86 -2.59
CA SER C 14 -18.17 14.20 -3.62
C SER C 14 -17.66 14.54 -5.01
N ALA C 15 -18.08 13.74 -5.98
CA ALA C 15 -17.68 13.96 -7.36
C ALA C 15 -18.18 15.33 -7.85
N GLY C 16 -17.32 16.01 -8.61
CA GLY C 16 -17.62 17.33 -9.13
C GLY C 16 -17.26 18.48 -8.20
N GLU C 17 -16.76 18.20 -7.01
CA GLU C 17 -16.32 19.23 -6.09
C GLU C 17 -14.88 19.65 -6.43
N ARG C 18 -14.48 20.79 -5.89
CA ARG C 18 -13.14 21.32 -6.10
C ARG C 18 -12.23 20.99 -4.92
N ALA C 19 -10.97 20.70 -5.22
CA ALA C 19 -9.94 20.48 -4.21
C ALA C 19 -8.68 21.21 -4.62
N THR C 20 -7.92 21.65 -3.61
CA THR C 20 -6.70 22.43 -3.84
C THR C 20 -5.64 21.94 -2.86
N LEU C 21 -4.65 21.22 -3.39
CA LEU C 21 -3.56 20.69 -2.58
C LEU C 21 -2.38 21.63 -2.61
N SER C 22 -1.76 21.84 -1.45
CA SER C 22 -0.64 22.76 -1.30
C SER C 22 0.63 22.01 -0.93
N CYS C 23 1.78 22.53 -1.38
CA CYS C 23 3.06 21.90 -1.13
C CYS C 23 3.98 22.91 -0.45
N ARG C 24 4.54 22.53 0.69
CA ARG C 24 5.35 23.42 1.52
C ARG C 24 6.80 23.34 1.05
N ALA C 25 7.20 24.29 0.19
CA ALA C 25 8.54 24.30 -0.39
C ALA C 25 9.59 24.78 0.62
N SER C 26 10.83 24.34 0.37
CA SER C 26 12.01 24.80 1.07
C SER C 26 12.91 25.56 0.10
N GLN C 27 13.27 26.80 0.46
CA GLN C 27 14.11 27.67 -0.35
C GLN C 27 13.52 27.87 -1.75
N THR C 28 12.21 28.13 -1.78
CA THR C 28 11.47 28.40 -3.02
C THR C 28 11.63 27.27 -4.02
N MET C 29 11.68 26.03 -3.52
CA MET C 29 12.05 24.88 -4.32
C MET C 29 13.32 25.21 -5.10
N THR C 30 13.19 25.31 -6.42
CA THR C 30 14.14 26.06 -7.23
C THR C 30 13.45 26.42 -8.53
N LYS C 31 13.58 27.69 -8.95
CA LYS C 31 12.87 28.23 -10.09
C LYS C 31 11.37 27.95 -9.95
N ASN C 32 10.90 26.88 -10.60
CA ASN C 32 9.52 26.44 -10.50
C ASN C 32 9.45 24.91 -10.51
N TYR C 33 10.45 24.26 -9.91
CA TYR C 33 10.63 22.82 -10.04
C TYR C 33 9.80 22.10 -8.98
N VAL C 34 8.51 22.00 -9.25
CA VAL C 34 7.59 21.20 -8.46
C VAL C 34 6.71 20.39 -9.41
N ALA C 35 6.43 19.15 -9.03
CA ALA C 35 5.64 18.25 -9.85
C ALA C 35 4.66 17.52 -8.94
N TRP C 36 3.61 16.97 -9.56
CA TRP C 36 2.58 16.26 -8.82
C TRP C 36 2.36 14.89 -9.42
N TYR C 37 2.32 13.88 -8.57
CA TYR C 37 2.08 12.51 -8.99
C TYR C 37 0.81 11.98 -8.33
N GLN C 38 0.10 11.14 -9.07
CA GLN C 38 -1.12 10.50 -8.61
C GLN C 38 -0.89 9.00 -8.57
N GLN C 39 -1.27 8.36 -7.47
CA GLN C 39 -1.14 6.91 -7.36
C GLN C 39 -2.45 6.32 -6.85
N LYS C 40 -2.84 5.22 -7.46
CA LYS C 40 -4.00 4.41 -7.13
C LYS C 40 -3.53 3.11 -6.50
N PRO C 41 -4.34 2.48 -5.64
CA PRO C 41 -3.87 1.27 -4.95
C PRO C 41 -3.47 0.19 -5.94
N GLY C 42 -2.37 -0.50 -5.65
CA GLY C 42 -1.88 -1.54 -6.51
C GLY C 42 -1.26 -1.08 -7.81
N GLN C 43 -0.94 0.21 -7.94
CA GLN C 43 -0.53 0.78 -9.21
C GLN C 43 0.72 1.64 -9.04
N ALA C 44 1.41 1.85 -10.15
CA ALA C 44 2.54 2.78 -10.19
C ALA C 44 2.02 4.23 -10.21
N PRO C 45 2.80 5.16 -9.66
CA PRO C 45 2.40 6.57 -9.73
C PRO C 45 2.39 7.08 -11.16
N ARG C 46 1.49 8.02 -11.42
CA ARG C 46 1.37 8.68 -12.72
C ARG C 46 1.61 10.17 -12.56
N LEU C 47 2.54 10.71 -13.35
CA LEU C 47 2.76 12.14 -13.38
C LEU C 47 1.56 12.87 -13.96
N LEU C 48 1.17 13.98 -13.32
CA LEU C 48 0.10 14.84 -13.80
C LEU C 48 0.59 16.22 -14.19
N ILE C 49 1.41 16.85 -13.36
CA ILE C 49 1.90 18.21 -13.58
C ILE C 49 3.39 18.21 -13.27
N TYR C 50 4.15 18.96 -14.07
CA TYR C 50 5.55 19.21 -13.78
C TYR C 50 5.84 20.67 -14.14
N GLY C 51 6.98 21.17 -13.65
CA GLY C 51 7.30 22.57 -13.90
C GLY C 51 6.27 23.52 -13.30
N ALA C 52 5.68 23.14 -12.17
CA ALA C 52 4.64 23.88 -11.46
C ALA C 52 3.29 23.87 -12.17
N SER C 53 3.27 24.02 -13.50
CA SER C 53 1.99 24.26 -14.16
C SER C 53 1.75 23.56 -15.49
N THR C 54 2.75 22.99 -16.16
CA THR C 54 2.51 22.34 -17.45
C THR C 54 2.10 20.89 -17.29
N ARG C 55 1.01 20.51 -17.96
CA ARG C 55 0.44 19.19 -17.82
C ARG C 55 1.28 18.14 -18.54
N ALA C 56 1.30 16.93 -18.00
CA ALA C 56 1.89 15.76 -18.63
C ALA C 56 0.95 15.20 -19.69
N THR C 57 1.52 14.39 -20.58
CA THR C 57 0.75 13.83 -21.68
C THR C 57 -0.44 13.01 -21.17
N GLY C 58 -1.61 13.22 -21.78
CA GLY C 58 -2.78 12.45 -21.45
C GLY C 58 -3.48 12.86 -20.17
N ILE C 59 -3.15 14.01 -19.60
CA ILE C 59 -3.75 14.48 -18.35
C ILE C 59 -4.82 15.52 -18.67
N PRO C 60 -6.04 15.35 -18.19
CA PRO C 60 -7.13 16.27 -18.55
C PRO C 60 -6.92 17.67 -18.01
N ASP C 61 -7.59 18.62 -18.67
CA ASP C 61 -7.45 20.02 -18.29
CA ASP C 61 -7.49 20.04 -18.30
C ASP C 61 -8.00 20.30 -16.89
N ARG C 62 -8.85 19.42 -16.35
CA ARG C 62 -9.40 19.63 -15.02
C ARG C 62 -8.32 19.65 -13.94
N PHE C 63 -7.16 19.04 -14.18
CA PHE C 63 -6.00 19.23 -13.34
C PHE C 63 -5.26 20.52 -13.73
N SER C 64 -4.70 21.20 -12.74
CA SER C 64 -3.95 22.42 -13.00
C SER C 64 -3.02 22.71 -11.83
N GLY C 65 -1.89 23.36 -12.15
CA GLY C 65 -0.92 23.72 -11.15
C GLY C 65 -0.57 25.20 -11.25
N SER C 66 -0.10 25.73 -10.13
CA SER C 66 0.19 27.16 -10.03
C SER C 66 1.05 27.40 -8.80
N GLY C 67 1.68 28.56 -8.77
CA GLY C 67 2.35 29.05 -7.57
C GLY C 67 3.70 29.67 -7.88
N SER C 68 4.22 30.40 -6.91
CA SER C 68 5.53 31.01 -6.99
C SER C 68 6.14 31.02 -5.59
N GLY C 69 7.46 31.16 -5.54
CA GLY C 69 8.14 31.15 -4.25
C GLY C 69 7.99 29.79 -3.56
N THR C 70 7.69 29.82 -2.27
CA THR C 70 7.55 28.59 -1.50
C THR C 70 6.16 27.96 -1.61
N ASP C 71 5.19 28.64 -2.21
CA ASP C 71 3.80 28.20 -2.22
C ASP C 71 3.47 27.65 -3.61
N PHE C 72 3.16 26.35 -3.68
CA PHE C 72 2.77 25.69 -4.91
C PHE C 72 1.50 24.90 -4.67
N THR C 73 0.70 24.71 -5.73
CA THR C 73 -0.65 24.21 -5.54
C THR C 73 -1.10 23.39 -6.75
N LEU C 74 -1.79 22.28 -6.45
CA LEU C 74 -2.46 21.46 -7.44
C LEU C 74 -3.96 21.58 -7.23
N THR C 75 -4.68 22.06 -8.25
CA THR C 75 -6.13 22.21 -8.18
C THR C 75 -6.81 21.20 -9.08
N ILE C 76 -7.82 20.51 -8.55
CA ILE C 76 -8.71 19.67 -9.33
C ILE C 76 -10.05 20.41 -9.38
N SER C 77 -10.34 21.04 -10.52
CA SER C 77 -11.50 21.93 -10.61
C SER C 77 -12.80 21.18 -10.37
N ARG C 78 -12.87 19.90 -10.75
CA ARG C 78 -14.01 19.07 -10.44
C ARG C 78 -13.55 17.62 -10.49
N LEU C 79 -13.82 16.87 -9.44
CA LEU C 79 -13.35 15.50 -9.36
C LEU C 79 -14.27 14.55 -10.12
N ALA C 80 -13.70 13.90 -11.13
CA ALA C 80 -14.26 12.73 -11.76
C ALA C 80 -14.10 11.52 -10.85
N PRO C 81 -14.91 10.48 -11.05
CA PRO C 81 -14.78 9.28 -10.20
C PRO C 81 -13.38 8.68 -10.25
N GLU C 82 -12.69 8.78 -11.39
CA GLU C 82 -11.34 8.23 -11.50
C GLU C 82 -10.27 9.10 -10.87
N ASP C 83 -10.61 10.32 -10.44
CA ASP C 83 -9.62 11.19 -9.82
C ASP C 83 -9.32 10.84 -8.36
N PHE C 84 -10.11 9.96 -7.74
CA PHE C 84 -9.90 9.64 -6.34
C PHE C 84 -8.69 8.73 -6.19
N ALA C 85 -7.68 9.21 -5.45
CA ALA C 85 -6.40 8.52 -5.31
C ALA C 85 -5.53 9.21 -4.26
N VAL C 86 -4.32 8.72 -4.08
CA VAL C 86 -3.34 9.44 -3.25
C VAL C 86 -2.52 10.33 -4.18
N TYR C 87 -2.28 11.56 -3.76
CA TYR C 87 -1.53 12.53 -4.53
C TYR C 87 -0.27 12.93 -3.79
N TYR C 88 0.83 13.05 -4.54
CA TYR C 88 2.14 13.35 -3.98
C TYR C 88 2.72 14.59 -4.65
N CYS C 89 3.36 15.44 -3.86
CA CYS C 89 4.14 16.56 -4.38
C CYS C 89 5.58 16.12 -4.54
N LEU C 90 6.20 16.52 -5.66
CA LEU C 90 7.60 16.24 -5.92
C LEU C 90 8.35 17.55 -6.12
N GLN C 91 9.30 17.82 -5.24
CA GLN C 91 10.22 18.94 -5.41
C GLN C 91 11.52 18.40 -5.98
N TYR C 92 12.06 19.11 -6.97
CA TYR C 92 13.27 18.65 -7.63
C TYR C 92 14.16 19.83 -8.00
N GLY C 93 15.39 19.49 -8.39
CA GLY C 93 16.32 20.48 -8.91
C GLY C 93 17.29 19.77 -9.83
N SER C 94 18.10 20.57 -10.53
CA SER C 94 19.04 20.04 -11.50
C SER C 94 20.49 20.11 -11.07
N SER C 95 20.89 21.16 -10.34
CA SER C 95 22.28 21.35 -9.94
C SER C 95 22.41 21.53 -8.43
N PRO C 96 22.75 20.48 -7.67
CA PRO C 96 22.82 19.05 -7.98
C PRO C 96 21.44 18.46 -8.23
N PRO C 97 21.35 17.39 -9.01
CA PRO C 97 20.05 16.73 -9.16
C PRO C 97 19.56 16.23 -7.81
N ILE C 98 18.26 16.39 -7.57
CA ILE C 98 17.63 15.93 -6.35
C ILE C 98 16.15 15.84 -6.61
N PHE C 99 15.49 14.88 -5.98
CA PHE C 99 14.07 14.63 -6.19
C PHE C 99 13.49 14.16 -4.87
N THR C 100 12.56 14.93 -4.30
CA THR C 100 12.08 14.70 -2.95
C THR C 100 10.56 14.67 -2.95
N PHE C 101 9.99 13.47 -2.76
CA PHE C 101 8.56 13.34 -2.62
C PHE C 101 8.08 13.92 -1.30
N GLY C 102 6.93 14.57 -1.32
CA GLY C 102 6.26 14.97 -0.11
C GLY C 102 5.40 13.84 0.42
N PRO C 103 4.80 14.05 1.59
CA PRO C 103 3.82 13.07 2.10
C PRO C 103 2.62 13.00 1.17
N GLY C 104 2.07 11.80 1.03
CA GLY C 104 0.88 11.63 0.23
C GLY C 104 -0.36 12.18 0.90
N THR C 105 -1.29 12.64 0.07
CA THR C 105 -2.60 13.10 0.52
C THR C 105 -3.66 12.26 -0.19
N LYS C 106 -4.40 11.47 0.58
CA LYS C 106 -5.47 10.68 0.00
C LYS C 106 -6.69 11.57 -0.27
N VAL C 107 -7.28 11.42 -1.45
CA VAL C 107 -8.55 12.03 -1.78
C VAL C 107 -9.57 10.90 -1.87
N GLU C 108 -10.64 11.00 -1.09
CA GLU C 108 -11.58 9.91 -0.96
C GLU C 108 -13.00 10.40 -1.25
N ILE C 109 -13.86 9.46 -1.62
CA ILE C 109 -15.24 9.78 -1.97
C ILE C 109 -16.03 10.04 -0.69
N LYS C 110 -16.62 11.23 -0.59
CA LYS C 110 -17.54 11.50 0.50
C LYS C 110 -18.86 10.77 0.24
N ARG C 111 -19.52 10.37 1.32
CA ARG C 111 -20.69 9.51 1.23
C ARG C 111 -21.54 9.75 2.47
N THR C 112 -22.80 9.35 2.39
CA THR C 112 -23.67 9.38 3.56
C THR C 112 -23.12 8.49 4.67
N VAL C 113 -23.35 8.89 5.93
CA VAL C 113 -22.85 8.14 7.07
C VAL C 113 -23.48 6.75 7.09
N ALA C 114 -22.66 5.75 7.43
CA ALA C 114 -23.11 4.38 7.53
C ALA C 114 -22.46 3.74 8.75
N ALA C 115 -23.30 3.21 9.66
CA ALA C 115 -22.84 2.58 10.89
C ALA C 115 -22.24 1.21 10.60
N PRO C 116 -21.13 0.85 11.26
CA PRO C 116 -20.58 -0.50 11.09
C PRO C 116 -21.50 -1.57 11.62
N SER C 117 -21.48 -2.73 10.97
CA SER C 117 -21.99 -3.96 11.54
C SER C 117 -20.83 -4.70 12.19
N VAL C 118 -20.98 -5.07 13.46
CA VAL C 118 -19.91 -5.64 14.26
C VAL C 118 -20.13 -7.13 14.43
N PHE C 119 -19.03 -7.89 14.39
CA PHE C 119 -19.05 -9.32 14.65
C PHE C 119 -17.81 -9.68 15.46
N ILE C 120 -17.94 -10.66 16.34
CA ILE C 120 -16.82 -11.18 17.12
C ILE C 120 -16.67 -12.66 16.81
N PHE C 121 -15.44 -13.11 16.68
CA PHE C 121 -15.12 -14.51 16.40
C PHE C 121 -14.21 -15.06 17.48
N PRO C 122 -14.67 -16.04 18.27
CA PRO C 122 -13.79 -16.71 19.22
C PRO C 122 -12.74 -17.52 18.49
N PRO C 123 -11.61 -17.82 19.15
CA PRO C 123 -10.58 -18.63 18.49
C PRO C 123 -11.12 -20.01 18.14
N SER C 124 -10.69 -20.52 16.99
CA SER C 124 -11.04 -21.87 16.59
C SER C 124 -10.33 -22.89 17.48
N ASP C 125 -10.99 -24.04 17.68
CA ASP C 125 -10.32 -25.13 18.37
C ASP C 125 -9.09 -25.61 17.61
N GLU C 126 -9.09 -25.41 16.29
CA GLU C 126 -7.91 -25.69 15.48
C GLU C 126 -6.72 -24.86 15.98
N GLN C 127 -6.94 -23.56 16.18
CA GLN C 127 -5.82 -22.69 16.59
C GLN C 127 -5.39 -22.95 18.02
N LEU C 128 -6.33 -23.26 18.92
CA LEU C 128 -5.96 -23.51 20.31
C LEU C 128 -5.08 -24.75 20.45
N LYS C 129 -5.19 -25.68 19.51
CA LYS C 129 -4.30 -26.84 19.51
C LYS C 129 -2.84 -26.42 19.36
N SER C 130 -2.58 -25.31 18.68
CA SER C 130 -1.24 -24.81 18.44
C SER C 130 -0.72 -23.88 19.54
N GLY C 131 -1.52 -23.58 20.57
CA GLY C 131 -1.07 -22.78 21.68
C GLY C 131 -1.22 -21.28 21.55
N THR C 132 -1.80 -20.78 20.47
CA THR C 132 -2.13 -19.37 20.32
C THR C 132 -3.64 -19.20 20.20
N ALA C 133 -4.13 -18.06 20.67
CA ALA C 133 -5.55 -17.73 20.63
C ALA C 133 -5.71 -16.35 20.01
N SER C 134 -6.34 -16.30 18.83
CA SER C 134 -6.60 -15.05 18.13
C SER C 134 -8.09 -14.78 18.12
N VAL C 135 -8.50 -13.70 18.77
CA VAL C 135 -9.88 -13.23 18.75
C VAL C 135 -9.98 -12.09 17.73
N VAL C 136 -11.02 -12.13 16.90
CA VAL C 136 -11.14 -11.21 15.78
C VAL C 136 -12.44 -10.43 15.92
N CYS C 137 -12.36 -9.11 15.73
CA CYS C 137 -13.52 -8.23 15.74
C CYS C 137 -13.66 -7.60 14.36
N LEU C 138 -14.80 -7.84 13.71
CA LEU C 138 -15.05 -7.39 12.35
C LEU C 138 -15.98 -6.18 12.38
N LEU C 139 -15.64 -5.16 11.61
CA LEU C 139 -16.49 -3.97 11.40
C LEU C 139 -16.75 -3.86 9.90
N ASN C 140 -18.00 -4.07 9.50
CA ASN C 140 -18.36 -4.23 8.10
C ASN C 140 -19.04 -2.98 7.56
N ASN C 141 -18.55 -2.51 6.41
CA ASN C 141 -19.22 -1.52 5.57
C ASN C 141 -19.69 -0.30 6.37
N PHE C 142 -18.73 0.56 6.67
CA PHE C 142 -18.99 1.77 7.45
C PHE C 142 -18.30 2.97 6.80
N TYR C 143 -18.87 4.14 7.04
CA TYR C 143 -18.30 5.41 6.64
C TYR C 143 -18.77 6.46 7.63
N PRO C 144 -17.92 7.43 8.00
CA PRO C 144 -16.53 7.67 7.61
C PRO C 144 -15.53 6.68 8.19
N ARG C 145 -14.29 6.72 7.68
CA ARG C 145 -13.28 5.74 8.05
C ARG C 145 -12.96 5.76 9.55
N GLU C 146 -13.11 6.92 10.20
CA GLU C 146 -12.68 7.04 11.59
C GLU C 146 -13.55 6.16 12.48
N ALA C 147 -12.90 5.20 13.15
CA ALA C 147 -13.60 4.28 14.04
C ALA C 147 -12.62 3.83 15.11
N LYS C 148 -13.15 3.51 16.28
CA LYS C 148 -12.34 3.14 17.43
C LYS C 148 -12.80 1.80 17.96
N VAL C 149 -11.92 0.81 17.91
CA VAL C 149 -12.17 -0.50 18.49
C VAL C 149 -11.48 -0.55 19.85
N GLN C 150 -12.19 -1.06 20.85
CA GLN C 150 -11.65 -1.16 22.20
C GLN C 150 -11.93 -2.54 22.76
N TRP C 151 -10.89 -3.38 22.81
CA TRP C 151 -11.02 -4.71 23.39
C TRP C 151 -11.19 -4.62 24.90
N LYS C 152 -12.02 -5.51 25.44
CA LYS C 152 -12.19 -5.66 26.88
C LYS C 152 -12.14 -7.14 27.22
N VAL C 153 -11.42 -7.46 28.30
CA VAL C 153 -11.26 -8.84 28.75
C VAL C 153 -11.55 -8.86 30.24
N ASP C 154 -12.70 -9.41 30.62
CA ASP C 154 -13.16 -9.42 32.01
C ASP C 154 -13.21 -8.00 32.59
N ASN C 155 -13.82 -7.09 31.82
CA ASN C 155 -13.93 -5.68 32.21
C ASN C 155 -12.57 -5.04 32.45
N ALA C 156 -11.56 -5.46 31.69
CA ALA C 156 -10.24 -4.86 31.75
C ALA C 156 -9.89 -4.34 30.36
N LEU C 157 -9.74 -3.03 30.24
CA LEU C 157 -9.38 -2.41 28.97
C LEU C 157 -8.00 -2.89 28.54
N GLN C 158 -7.86 -3.26 27.27
CA GLN C 158 -6.63 -3.80 26.74
C GLN C 158 -5.95 -2.81 25.79
N SER C 159 -4.62 -2.89 25.74
CA SER C 159 -3.84 -2.11 24.79
C SER C 159 -2.54 -2.84 24.49
N GLY C 160 -2.10 -2.76 23.24
CA GLY C 160 -0.83 -3.31 22.82
C GLY C 160 -0.84 -4.78 22.45
N ASN C 161 -1.99 -5.46 22.55
CA ASN C 161 -2.09 -6.86 22.16
C ASN C 161 -3.05 -7.08 21.00
N SER C 162 -3.28 -6.06 20.19
CA SER C 162 -4.15 -6.18 19.02
C SER C 162 -3.52 -5.44 17.85
N GLN C 163 -3.95 -5.81 16.64
CA GLN C 163 -3.51 -5.16 15.42
C GLN C 163 -4.72 -4.90 14.54
N GLU C 164 -4.74 -3.74 13.90
CA GLU C 164 -5.87 -3.30 13.09
C GLU C 164 -5.54 -3.40 11.60
N SER C 165 -6.58 -3.60 10.79
CA SER C 165 -6.43 -3.62 9.34
C SER C 165 -7.70 -3.07 8.72
N VAL C 166 -7.54 -2.28 7.66
CA VAL C 166 -8.65 -1.59 7.01
C VAL C 166 -8.56 -1.79 5.51
N THR C 167 -9.70 -2.11 4.90
CA THR C 167 -9.79 -2.21 3.45
C THR C 167 -9.81 -0.84 2.80
N GLU C 168 -9.40 -0.80 1.53
CA GLU C 168 -9.59 0.39 0.71
C GLU C 168 -11.09 0.58 0.46
N GLN C 169 -11.45 1.83 0.16
CA GLN C 169 -12.86 2.16 -0.04
C GLN C 169 -13.45 1.31 -1.16
N ASP C 170 -14.63 0.76 -0.90
CA ASP C 170 -15.22 -0.23 -1.79
C ASP C 170 -15.66 0.42 -3.09
N SER C 171 -15.48 -0.32 -4.20
CA SER C 171 -15.84 0.20 -5.51
C SER C 171 -17.34 0.44 -5.64
N LYS C 172 -18.16 -0.30 -4.90
CA LYS C 172 -19.62 -0.21 -5.06
C LYS C 172 -20.21 0.87 -4.15
N ASP C 173 -20.21 0.62 -2.85
CA ASP C 173 -20.87 1.50 -1.88
C ASP C 173 -19.91 2.48 -1.20
N SER C 174 -18.64 2.50 -1.58
CA SER C 174 -17.65 3.44 -1.04
C SER C 174 -17.53 3.35 0.48
N THR C 175 -17.73 2.16 1.04
CA THR C 175 -17.60 1.93 2.48
C THR C 175 -16.25 1.31 2.81
N TYR C 176 -15.89 1.41 4.09
CA TYR C 176 -14.69 0.78 4.64
C TYR C 176 -15.09 -0.43 5.48
N SER C 177 -14.12 -1.31 5.70
CA SER C 177 -14.27 -2.43 6.61
C SER C 177 -12.99 -2.58 7.42
N LEU C 178 -13.14 -3.01 8.67
CA LEU C 178 -12.04 -3.07 9.61
C LEU C 178 -12.05 -4.42 10.31
N SER C 179 -10.86 -4.97 10.55
CA SER C 179 -10.69 -6.18 11.32
C SER C 179 -9.63 -5.93 12.39
N SER C 180 -9.96 -6.25 13.64
CA SER C 180 -9.03 -6.17 14.75
C SER C 180 -8.83 -7.57 15.34
N THR C 181 -7.58 -7.97 15.46
CA THR C 181 -7.23 -9.29 15.98
C THR C 181 -6.53 -9.13 17.33
N LEU C 182 -7.18 -9.59 18.39
CA LEU C 182 -6.56 -9.67 19.70
C LEU C 182 -5.85 -11.02 19.80
N THR C 183 -4.56 -10.99 20.12
CA THR C 183 -3.75 -12.20 20.13
C THR C 183 -3.09 -12.35 21.49
N LEU C 184 -3.17 -13.56 22.03
CA LEU C 184 -2.55 -13.89 23.31
C LEU C 184 -2.35 -15.41 23.35
N SER C 185 -1.50 -15.85 24.27
CA SER C 185 -1.18 -17.26 24.38
C SER C 185 -2.40 -18.05 24.82
N LYS C 186 -2.43 -19.34 24.47
CA LYS C 186 -3.50 -20.21 24.93
C LYS C 186 -3.60 -20.23 26.45
N ALA C 187 -2.47 -20.10 27.14
CA ALA C 187 -2.50 -20.09 28.60
C ALA C 187 -3.23 -18.87 29.12
N ASP C 188 -2.89 -17.68 28.61
CA ASP C 188 -3.58 -16.46 29.04
C ASP C 188 -5.03 -16.44 28.58
N TYR C 189 -5.35 -17.11 27.46
CA TYR C 189 -6.72 -17.10 26.97
C TYR C 189 -7.66 -17.83 27.92
N GLU C 190 -7.16 -18.86 28.61
CA GLU C 190 -7.99 -19.67 29.48
C GLU C 190 -8.09 -19.09 30.90
N LYS C 191 -7.36 -18.02 31.20
CA LYS C 191 -7.44 -17.37 32.49
C LYS C 191 -8.62 -16.39 32.59
N HIS C 192 -9.33 -16.16 31.49
CA HIS C 192 -10.39 -15.16 31.44
C HIS C 192 -11.62 -15.78 30.79
N LYS C 193 -12.79 -15.24 31.12
CA LYS C 193 -14.05 -15.78 30.63
C LYS C 193 -14.68 -14.92 29.54
N VAL C 194 -14.82 -13.62 29.76
CA VAL C 194 -15.56 -12.73 28.87
C VAL C 194 -14.58 -11.98 27.98
N TYR C 195 -14.82 -12.02 26.67
CA TYR C 195 -14.06 -11.26 25.69
C TYR C 195 -15.01 -10.38 24.90
N ALA C 196 -14.69 -9.09 24.80
CA ALA C 196 -15.57 -8.14 24.15
C ALA C 196 -14.74 -7.13 23.36
N CYS C 197 -15.32 -6.65 22.26
CA CYS C 197 -14.78 -5.51 21.53
C CYS C 197 -15.88 -4.46 21.43
N GLU C 198 -15.58 -3.26 21.93
CA GLU C 198 -16.51 -2.14 21.93
C GLU C 198 -16.16 -1.19 20.81
N VAL C 199 -17.16 -0.84 20.00
CA VAL C 199 -16.95 -0.07 18.77
C VAL C 199 -17.59 1.30 18.93
N THR C 200 -16.86 2.33 18.53
CA THR C 200 -17.36 3.70 18.51
C THR C 200 -17.24 4.25 17.10
N HIS C 201 -18.30 4.92 16.64
CA HIS C 201 -18.32 5.43 15.28
C HIS C 201 -19.34 6.57 15.20
N GLN C 202 -19.19 7.40 14.17
CA GLN C 202 -20.09 8.52 13.96
C GLN C 202 -21.52 8.06 13.74
N GLY C 203 -21.71 6.89 13.14
CA GLY C 203 -23.03 6.36 12.88
C GLY C 203 -23.68 5.64 14.04
N LEU C 204 -22.98 5.48 15.17
CA LEU C 204 -23.48 4.77 16.34
C LEU C 204 -23.81 5.79 17.42
N SER C 205 -25.10 5.91 17.77
CA SER C 205 -25.50 6.83 18.82
C SER C 205 -24.91 6.44 20.17
N SER C 206 -24.72 5.14 20.39
CA SER C 206 -24.07 4.62 21.58
C SER C 206 -23.03 3.59 21.14
N PRO C 207 -21.98 3.38 21.94
CA PRO C 207 -21.00 2.36 21.57
C PRO C 207 -21.65 0.99 21.51
N VAL C 208 -21.20 0.18 20.54
CA VAL C 208 -21.71 -1.16 20.35
C VAL C 208 -20.69 -2.15 20.89
N THR C 209 -21.14 -3.09 21.70
CA THR C 209 -20.27 -4.12 22.28
C THR C 209 -20.76 -5.49 21.83
N LYS C 210 -19.89 -6.23 21.16
CA LYS C 210 -20.11 -7.63 20.87
C LYS C 210 -19.16 -8.45 21.72
N SER C 211 -19.66 -9.56 22.26
CA SER C 211 -18.89 -10.30 23.26
C SER C 211 -19.26 -11.77 23.24
N PHE C 212 -18.44 -12.56 23.91
CA PHE C 212 -18.69 -13.98 24.13
C PHE C 212 -18.01 -14.41 25.42
N ASN C 213 -18.59 -15.40 26.07
CA ASN C 213 -17.92 -16.08 27.18
C ASN C 213 -17.24 -17.32 26.65
N ARG C 214 -15.97 -17.51 27.01
CA ARG C 214 -15.19 -18.61 26.49
C ARG C 214 -15.84 -19.94 26.87
N GLY C 215 -16.13 -20.75 25.84
CA GLY C 215 -16.86 -21.99 26.04
C GLY C 215 -18.25 -21.78 26.60
#